data_1BCV
#
_entry.id   1BCV
#
_cell.length_a   1.000
_cell.length_b   1.000
_cell.length_c   1.000
_cell.angle_alpha   90.00
_cell.angle_beta   90.00
_cell.angle_gamma   90.00
#
_symmetry.space_group_name_H-M   'P 1'
#
_entity_poly.entity_id   1
_entity_poly.type   'polypeptide(L)'
_entity_poly.pdbx_seq_one_letter_code
;(ACE)GSGVRGDFGSLAPRVARQL
;
_entity_poly.pdbx_strand_id   A
#
# COMPACT_ATOMS: atom_id res chain seq x y z
N GLY A 2 9.72 -15.49 -8.47
CA GLY A 2 10.86 -15.54 -7.57
C GLY A 2 11.01 -14.24 -6.78
N SER A 3 11.21 -13.16 -7.53
CA SER A 3 11.36 -11.85 -6.91
C SER A 3 10.05 -11.07 -6.98
N GLY A 4 9.02 -11.67 -6.37
CA GLY A 4 7.71 -11.05 -6.34
C GLY A 4 7.46 -10.34 -5.02
N VAL A 5 6.43 -10.78 -4.31
CA VAL A 5 6.08 -10.20 -3.03
C VAL A 5 4.78 -10.83 -2.52
N ARG A 6 4.90 -11.52 -1.40
CA ARG A 6 3.75 -12.17 -0.80
C ARG A 6 2.80 -11.14 -0.20
N GLY A 7 1.53 -11.51 -0.15
CA GLY A 7 0.51 -10.61 0.40
C GLY A 7 -0.86 -10.92 -0.21
N ASP A 8 -1.88 -10.32 0.40
CA ASP A 8 -3.24 -10.51 -0.07
C ASP A 8 -3.71 -9.24 -0.79
N PHE A 9 -4.67 -9.42 -1.68
CA PHE A 9 -5.21 -8.30 -2.43
C PHE A 9 -5.43 -7.09 -1.53
N GLY A 10 -5.06 -5.93 -2.05
CA GLY A 10 -5.21 -4.69 -1.30
C GLY A 10 -3.87 -3.99 -1.15
N SER A 11 -3.82 -2.76 -1.65
CA SER A 11 -2.60 -1.97 -1.58
C SER A 11 -2.68 -1.00 -0.40
N LEU A 12 -1.53 -0.75 0.21
CA LEU A 12 -1.46 0.15 1.34
C LEU A 12 0.00 0.48 1.63
N ALA A 13 0.20 1.45 2.52
CA ALA A 13 1.53 1.87 2.89
C ALA A 13 1.75 1.60 4.39
N PRO A 14 2.98 1.95 4.86
CA PRO A 14 3.32 1.76 6.26
C PRO A 14 2.65 2.80 7.15
N ARG A 15 2.81 2.63 8.45
CA ARG A 15 2.22 3.55 9.41
C ARG A 15 3.16 3.74 10.60
N VAL A 16 4.08 4.68 10.43
CA VAL A 16 5.05 4.97 11.48
C VAL A 16 4.60 6.21 12.25
N ALA A 17 5.40 6.60 13.23
CA ALA A 17 5.10 7.76 14.04
C ALA A 17 6.39 8.54 14.29
N ARG A 18 7.42 7.81 14.67
CA ARG A 18 8.71 8.43 14.95
C ARG A 18 9.55 8.52 13.66
N GLN A 19 9.29 7.58 12.77
CA GLN A 19 10.00 7.55 11.50
C GLN A 19 9.39 8.54 10.52
N LEU A 20 10.12 8.78 9.44
CA LEU A 20 9.66 9.71 8.41
C LEU A 20 8.38 9.17 7.79
N GLY A 2 2.12 -10.08 -17.63
CA GLY A 2 1.68 -10.69 -18.88
C GLY A 2 0.17 -10.56 -19.06
N SER A 3 -0.52 -11.64 -18.71
CA SER A 3 -1.97 -11.67 -18.82
C SER A 3 -2.57 -10.45 -18.13
N GLY A 4 -3.88 -10.31 -18.28
CA GLY A 4 -4.59 -9.19 -17.68
C GLY A 4 -5.20 -9.59 -16.34
N VAL A 5 -5.75 -8.59 -15.66
CA VAL A 5 -6.38 -8.83 -14.36
C VAL A 5 -6.82 -7.49 -13.77
N ARG A 6 -8.13 -7.36 -13.61
CA ARG A 6 -8.69 -6.14 -13.04
C ARG A 6 -9.55 -6.47 -11.82
N GLY A 7 -8.97 -6.26 -10.65
CA GLY A 7 -9.67 -6.52 -9.41
C GLY A 7 -9.81 -5.26 -8.57
N ASP A 8 -10.22 -5.44 -7.33
CA ASP A 8 -10.39 -4.32 -6.42
C ASP A 8 -9.13 -3.45 -6.44
N PHE A 9 -9.29 -2.22 -5.97
CA PHE A 9 -8.17 -1.30 -5.93
C PHE A 9 -7.88 -0.84 -4.49
N GLY A 10 -6.71 -0.27 -4.32
CA GLY A 10 -6.29 0.20 -3.01
C GLY A 10 -4.99 -0.47 -2.56
N SER A 11 -3.99 0.36 -2.31
CA SER A 11 -2.69 -0.14 -1.90
C SER A 11 -2.53 0.05 -0.39
N LEU A 12 -1.58 -0.69 0.18
CA LEU A 12 -1.31 -0.61 1.60
C LEU A 12 0.03 0.07 1.83
N ALA A 13 0.31 0.37 3.09
CA ALA A 13 1.56 1.02 3.45
C ALA A 13 1.91 0.67 4.90
N PRO A 14 3.07 1.22 5.35
CA PRO A 14 3.53 0.97 6.71
C PRO A 14 2.71 1.79 7.72
N ARG A 15 3.09 1.65 8.98
CA ARG A 15 2.39 2.36 10.05
C ARG A 15 3.41 2.89 11.07
N VAL A 16 3.94 4.07 10.77
CA VAL A 16 4.91 4.69 11.66
C VAL A 16 4.31 5.96 12.24
N ALA A 17 5.12 6.63 13.05
CA ALA A 17 4.68 7.87 13.69
C ALA A 17 5.84 8.88 13.69
N ARG A 18 7.01 8.39 14.06
CA ARG A 18 8.20 9.23 14.10
C ARG A 18 9.04 9.02 12.84
N GLN A 19 8.93 7.83 12.29
CA GLN A 19 9.67 7.49 11.08
C GLN A 19 9.26 8.41 9.93
N LEU A 20 10.10 9.39 9.66
CA LEU A 20 9.84 10.33 8.59
C LEU A 20 10.92 10.18 7.51
N GLY A 2 -1.80 2.59 -21.67
CA GLY A 2 -2.58 1.36 -21.68
C GLY A 2 -3.92 1.55 -20.97
N SER A 3 -4.82 0.61 -21.20
CA SER A 3 -6.14 0.67 -20.59
C SER A 3 -6.46 -0.67 -19.92
N GLY A 4 -7.56 -0.68 -19.18
CA GLY A 4 -7.99 -1.88 -18.48
C GLY A 4 -8.89 -1.52 -17.29
N VAL A 5 -8.30 -1.59 -16.11
CA VAL A 5 -9.03 -1.28 -14.89
C VAL A 5 -8.14 -1.56 -13.68
N ARG A 6 -7.84 -0.49 -12.95
CA ARG A 6 -7.01 -0.61 -11.77
C ARG A 6 -7.83 -0.35 -10.51
N GLY A 7 -7.38 -0.96 -9.41
CA GLY A 7 -8.07 -0.80 -8.15
C GLY A 7 -8.06 0.66 -7.69
N ASP A 8 -9.05 1.01 -6.89
CA ASP A 8 -9.15 2.36 -6.37
C ASP A 8 -7.79 2.81 -5.83
N PHE A 9 -7.64 4.12 -5.73
CA PHE A 9 -6.40 4.68 -5.23
C PHE A 9 -6.18 4.32 -3.76
N GLY A 10 -4.92 4.41 -3.34
CA GLY A 10 -4.57 4.10 -1.97
C GLY A 10 -3.53 2.99 -1.91
N SER A 11 -2.40 3.30 -1.31
CA SER A 11 -1.31 2.34 -1.18
C SER A 11 -1.24 1.83 0.26
N LEU A 12 -0.57 0.69 0.41
CA LEU A 12 -0.42 0.09 1.72
C LEU A 12 0.98 0.37 2.25
N ALA A 13 1.10 0.35 3.57
CA ALA A 13 2.38 0.59 4.21
C ALA A 13 2.28 0.26 5.69
N PRO A 14 3.43 0.45 6.42
CA PRO A 14 3.47 0.16 7.84
C PRO A 14 2.75 1.25 8.63
N ARG A 15 2.78 1.10 9.95
CA ARG A 15 2.15 2.06 10.83
C ARG A 15 3.20 2.85 11.62
N VAL A 16 3.89 3.72 10.90
CA VAL A 16 4.92 4.53 11.51
C VAL A 16 4.29 5.79 12.11
N ALA A 17 5.14 6.63 12.69
CA ALA A 17 4.67 7.86 13.30
C ALA A 17 5.65 8.99 12.97
N ARG A 18 6.93 8.69 13.15
CA ARG A 18 7.97 9.66 12.88
C ARG A 18 8.79 9.23 11.65
N GLN A 19 8.86 7.93 11.46
CA GLN A 19 9.60 7.37 10.33
C GLN A 19 8.72 7.30 9.09
N LEU A 20 8.21 8.45 8.68
CA LEU A 20 7.35 8.53 7.51
C LEU A 20 8.10 7.98 6.30
N GLY A 2 -0.23 -20.36 -10.97
CA GLY A 2 -0.71 -21.34 -11.94
C GLY A 2 -1.36 -20.65 -13.14
N SER A 3 -2.69 -20.59 -13.10
CA SER A 3 -3.44 -19.97 -14.17
C SER A 3 -3.53 -18.46 -13.94
N GLY A 4 -4.08 -17.78 -14.93
CA GLY A 4 -4.23 -16.33 -14.85
C GLY A 4 -5.33 -15.95 -13.87
N VAL A 5 -5.48 -14.65 -13.67
CA VAL A 5 -6.50 -14.14 -12.76
C VAL A 5 -6.35 -12.62 -12.64
N ARG A 6 -7.38 -11.92 -13.09
CA ARG A 6 -7.38 -10.46 -13.02
C ARG A 6 -6.76 -9.99 -11.71
N GLY A 7 -5.60 -9.36 -11.84
CA GLY A 7 -4.89 -8.85 -10.67
C GLY A 7 -5.69 -7.75 -9.99
N ASP A 8 -5.70 -7.79 -8.67
CA ASP A 8 -6.41 -6.81 -7.88
C ASP A 8 -5.49 -5.61 -7.59
N PHE A 9 -6.09 -4.44 -7.59
CA PHE A 9 -5.34 -3.22 -7.33
C PHE A 9 -5.66 -2.66 -5.94
N GLY A 10 -4.69 -1.94 -5.39
CA GLY A 10 -4.85 -1.34 -4.07
C GLY A 10 -3.76 -1.83 -3.12
N SER A 11 -3.01 -0.86 -2.60
CA SER A 11 -1.93 -1.17 -1.67
C SER A 11 -1.97 -0.20 -0.48
N LEU A 12 -1.57 -0.73 0.67
CA LEU A 12 -1.56 0.07 1.88
C LEU A 12 -0.11 0.42 2.23
N ALA A 13 0.04 1.53 2.95
CA ALA A 13 1.36 1.99 3.36
C ALA A 13 1.65 1.47 4.76
N PRO A 14 2.86 1.83 5.26
CA PRO A 14 3.29 1.41 6.59
C PRO A 14 2.57 2.22 7.67
N ARG A 15 2.89 1.90 8.92
CA ARG A 15 2.29 2.58 10.05
C ARG A 15 3.36 3.06 11.02
N VAL A 16 3.97 4.19 10.67
CA VAL A 16 5.02 4.77 11.49
C VAL A 16 4.42 5.86 12.38
N ALA A 17 5.29 6.47 13.17
CA ALA A 17 4.85 7.53 14.07
C ALA A 17 5.90 8.64 14.08
N ARG A 18 7.16 8.24 14.19
CA ARG A 18 8.26 9.19 14.20
C ARG A 18 9.10 9.05 12.94
N GLN A 19 9.08 7.84 12.38
CA GLN A 19 9.84 7.56 11.17
C GLN A 19 9.33 8.44 10.03
N LEU A 20 10.25 8.76 9.12
CA LEU A 20 9.92 9.59 7.97
C LEU A 20 9.13 8.75 6.97
N GLY A 2 -10.03 -20.42 -13.14
CA GLY A 2 -11.09 -19.90 -12.28
C GLY A 2 -10.51 -19.09 -11.12
N SER A 3 -9.74 -19.77 -10.28
CA SER A 3 -9.13 -19.12 -9.14
C SER A 3 -7.91 -18.30 -9.59
N GLY A 4 -8.17 -17.35 -10.47
CA GLY A 4 -7.12 -16.49 -10.98
C GLY A 4 -6.99 -15.21 -10.14
N VAL A 5 -6.72 -14.12 -10.84
CA VAL A 5 -6.57 -12.83 -10.18
C VAL A 5 -6.13 -11.79 -11.21
N ARG A 6 -6.99 -10.80 -11.40
CA ARG A 6 -6.71 -9.74 -12.36
C ARG A 6 -7.68 -8.58 -12.16
N GLY A 7 -7.17 -7.49 -11.61
CA GLY A 7 -7.97 -6.32 -11.36
C GLY A 7 -7.12 -5.15 -10.86
N ASP A 8 -7.68 -4.38 -9.95
CA ASP A 8 -6.99 -3.23 -9.40
C ASP A 8 -5.80 -3.72 -8.57
N PHE A 9 -4.89 -2.79 -8.29
CA PHE A 9 -3.71 -3.12 -7.51
C PHE A 9 -3.29 -1.95 -6.63
N GLY A 10 -2.50 -2.25 -5.62
CA GLY A 10 -2.02 -1.23 -4.70
C GLY A 10 -2.44 -1.55 -3.25
N SER A 11 -1.43 -1.68 -2.41
CA SER A 11 -1.69 -1.98 -1.01
C SER A 11 -1.51 -0.72 -0.15
N LEU A 12 -2.02 -0.79 1.07
CA LEU A 12 -1.93 0.33 1.99
C LEU A 12 -0.46 0.59 2.34
N ALA A 13 -0.19 1.81 2.74
CA ALA A 13 1.16 2.20 3.12
C ALA A 13 1.42 1.79 4.56
N PRO A 14 2.67 2.09 5.04
CA PRO A 14 3.06 1.76 6.39
C PRO A 14 2.41 2.73 7.39
N ARG A 15 2.45 2.33 8.66
CA ARG A 15 1.87 3.14 9.71
C ARG A 15 2.92 3.42 10.80
N VAL A 16 3.82 4.35 10.49
CA VAL A 16 4.87 4.71 11.41
C VAL A 16 4.42 5.92 12.24
N ALA A 17 5.31 6.36 13.12
CA ALA A 17 5.01 7.50 13.97
C ALA A 17 6.26 8.38 14.09
N ARG A 18 7.38 7.73 14.33
CA ARG A 18 8.65 8.43 14.46
C ARG A 18 9.39 8.45 13.13
N GLN A 19 9.12 7.43 12.32
CA GLN A 19 9.75 7.32 11.01
C GLN A 19 9.24 8.42 10.09
N LEU A 20 10.16 8.95 9.28
CA LEU A 20 9.82 10.00 8.35
C LEU A 20 9.74 9.41 6.93
N GLY A 2 0.30 -6.98 -17.83
CA GLY A 2 1.63 -6.84 -17.27
C GLY A 2 2.04 -5.37 -17.18
N SER A 3 2.27 -4.78 -18.33
CA SER A 3 2.66 -3.38 -18.39
C SER A 3 1.56 -2.55 -19.06
N GLY A 4 0.39 -2.59 -18.43
CA GLY A 4 -0.75 -1.85 -18.94
C GLY A 4 -2.04 -2.27 -18.23
N VAL A 5 -2.52 -1.38 -17.38
CA VAL A 5 -3.74 -1.65 -16.63
C VAL A 5 -3.98 -0.51 -15.63
N ARG A 6 -5.09 0.19 -15.84
CA ARG A 6 -5.44 1.30 -14.98
C ARG A 6 -6.35 0.81 -13.84
N GLY A 7 -5.79 0.82 -12.64
CA GLY A 7 -6.53 0.40 -11.47
C GLY A 7 -6.94 1.59 -10.61
N ASP A 8 -8.09 1.44 -9.96
CA ASP A 8 -8.61 2.50 -9.11
C ASP A 8 -7.95 2.41 -7.73
N PHE A 9 -8.07 1.24 -7.13
CA PHE A 9 -7.49 1.00 -5.81
C PHE A 9 -6.06 1.52 -5.75
N GLY A 10 -5.50 1.49 -4.54
CA GLY A 10 -4.14 1.95 -4.34
C GLY A 10 -3.28 0.84 -3.73
N SER A 11 -2.72 1.13 -2.57
CA SER A 11 -1.87 0.18 -1.88
C SER A 11 -1.81 0.51 -0.39
N LEU A 12 -1.36 -0.47 0.39
CA LEU A 12 -1.24 -0.29 1.83
C LEU A 12 0.21 0.04 2.18
N ALA A 13 0.36 0.84 3.23
CA ALA A 13 1.68 1.25 3.68
C ALA A 13 1.84 0.89 5.16
N PRO A 14 3.05 1.21 5.69
CA PRO A 14 3.34 0.92 7.08
C PRO A 14 2.61 1.91 8.01
N ARG A 15 2.86 1.73 9.30
CA ARG A 15 2.24 2.59 10.30
C ARG A 15 3.30 3.14 11.26
N VAL A 16 4.03 4.14 10.77
CA VAL A 16 5.07 4.76 11.57
C VAL A 16 4.47 5.90 12.40
N ALA A 17 5.33 6.56 13.16
CA ALA A 17 4.89 7.65 14.01
C ALA A 17 5.94 8.78 13.95
N ARG A 18 7.19 8.38 14.09
CA ARG A 18 8.28 9.33 14.06
C ARG A 18 9.05 9.22 12.74
N GLN A 19 9.01 8.03 12.17
CA GLN A 19 9.70 7.77 10.92
C GLN A 19 8.97 8.47 9.77
N LEU A 20 9.66 8.54 8.64
CA LEU A 20 9.09 9.18 7.46
C LEU A 20 8.51 8.11 6.53
N GLY A 2 -3.68 -15.66 2.85
CA GLY A 2 -3.16 -16.90 2.30
C GLY A 2 -3.13 -16.85 0.77
N SER A 3 -4.31 -16.68 0.19
CA SER A 3 -4.43 -16.62 -1.26
C SER A 3 -4.89 -15.23 -1.68
N GLY A 4 -4.88 -15.01 -2.99
CA GLY A 4 -5.30 -13.72 -3.54
C GLY A 4 -4.90 -13.60 -5.01
N VAL A 5 -4.08 -12.61 -5.29
CA VAL A 5 -3.62 -12.36 -6.65
C VAL A 5 -2.78 -11.08 -6.68
N ARG A 6 -1.51 -11.26 -7.02
CA ARG A 6 -0.60 -10.12 -7.10
C ARG A 6 -0.62 -9.51 -8.49
N GLY A 7 -1.46 -8.49 -8.66
CA GLY A 7 -1.59 -7.83 -9.94
C GLY A 7 -1.08 -6.38 -9.85
N ASP A 8 -1.72 -5.52 -10.63
CA ASP A 8 -1.35 -4.12 -10.64
C ASP A 8 -1.48 -3.54 -9.24
N PHE A 9 -2.67 -3.69 -8.68
CA PHE A 9 -2.94 -3.19 -7.34
C PHE A 9 -1.77 -3.47 -6.40
N GLY A 10 -1.70 -2.70 -5.33
CA GLY A 10 -0.63 -2.87 -4.35
C GLY A 10 -1.21 -3.17 -2.96
N SER A 11 -0.87 -2.30 -2.02
CA SER A 11 -1.34 -2.46 -0.66
C SER A 11 -1.31 -1.11 0.07
N LEU A 12 -2.10 -1.03 1.13
CA LEU A 12 -2.17 0.19 1.92
C LEU A 12 -0.76 0.71 2.16
N ALA A 13 -0.69 1.96 2.60
CA ALA A 13 0.59 2.59 2.88
C ALA A 13 1.09 2.13 4.24
N PRO A 14 2.30 2.65 4.62
CA PRO A 14 2.90 2.30 5.89
C PRO A 14 2.19 3.00 7.05
N ARG A 15 2.70 2.75 8.25
CA ARG A 15 2.13 3.35 9.44
C ARG A 15 3.22 3.59 10.49
N VAL A 16 4.00 4.63 10.27
CA VAL A 16 5.08 4.97 11.19
C VAL A 16 4.54 5.90 12.27
N ALA A 17 5.43 6.29 13.17
CA ALA A 17 5.07 7.18 14.26
C ALA A 17 6.19 8.21 14.47
N ARG A 18 7.41 7.70 14.50
CA ARG A 18 8.56 8.56 14.69
C ARG A 18 9.42 8.60 13.42
N GLN A 19 9.33 7.53 12.65
CA GLN A 19 10.08 7.44 11.42
C GLN A 19 9.48 8.35 10.35
N LEU A 20 10.27 8.61 9.32
CA LEU A 20 9.82 9.47 8.24
C LEU A 20 9.10 8.62 7.18
N GLY A 2 -24.10 5.33 2.83
CA GLY A 2 -23.15 4.57 3.62
C GLY A 2 -21.71 5.02 3.33
N SER A 3 -20.79 4.51 4.14
CA SER A 3 -19.39 4.86 3.98
C SER A 3 -18.63 3.72 3.30
N GLY A 4 -17.37 3.97 3.01
CA GLY A 4 -16.54 2.97 2.36
C GLY A 4 -16.22 3.38 0.93
N VAL A 5 -16.33 2.40 0.03
CA VAL A 5 -16.06 2.64 -1.38
C VAL A 5 -16.15 1.31 -2.14
N ARG A 6 -17.11 1.26 -3.05
CA ARG A 6 -17.31 0.07 -3.85
C ARG A 6 -16.03 -0.28 -4.63
N GLY A 7 -15.82 -1.56 -4.82
CA GLY A 7 -14.65 -2.04 -5.54
C GLY A 7 -13.99 -3.21 -4.81
N ASP A 8 -12.98 -3.77 -5.45
CA ASP A 8 -12.26 -4.89 -4.87
C ASP A 8 -11.07 -4.37 -4.07
N PHE A 9 -10.77 -5.08 -2.98
CA PHE A 9 -9.66 -4.69 -2.13
C PHE A 9 -8.38 -4.50 -2.93
N GLY A 10 -7.54 -3.60 -2.45
CA GLY A 10 -6.28 -3.32 -3.12
C GLY A 10 -5.09 -3.57 -2.18
N SER A 11 -4.31 -2.51 -1.97
CA SER A 11 -3.15 -2.60 -1.11
C SER A 11 -3.01 -1.33 -0.28
N LEU A 12 -2.15 -1.40 0.72
CA LEU A 12 -1.91 -0.26 1.59
C LEU A 12 -0.42 -0.19 1.94
N ALA A 13 0.03 1.03 2.20
CA ALA A 13 1.44 1.24 2.55
C ALA A 13 1.58 1.26 4.06
N PRO A 14 2.85 1.46 4.52
CA PRO A 14 3.13 1.50 5.94
C PRO A 14 2.68 2.82 6.56
N ARG A 15 2.77 2.89 7.87
CA ARG A 15 2.38 4.08 8.59
C ARG A 15 3.16 4.20 9.90
N VAL A 16 4.32 4.86 9.80
CA VAL A 16 5.17 5.06 10.95
C VAL A 16 4.71 6.30 11.71
N ALA A 17 5.43 6.60 12.79
CA ALA A 17 5.11 7.75 13.62
C ALA A 17 6.40 8.44 14.05
N ARG A 18 7.35 7.63 14.49
CA ARG A 18 8.64 8.14 14.94
C ARG A 18 9.60 8.23 13.76
N GLN A 19 9.38 7.37 12.78
CA GLN A 19 10.22 7.34 11.60
C GLN A 19 9.84 8.48 10.65
N LEU A 20 9.94 9.69 11.16
CA LEU A 20 9.61 10.87 10.37
C LEU A 20 10.89 11.41 9.72
N GLY A 2 6.03 -14.20 -9.09
CA GLY A 2 5.43 -15.51 -8.90
C GLY A 2 5.06 -15.75 -7.45
N SER A 3 4.25 -14.85 -6.91
CA SER A 3 3.82 -14.94 -5.53
C SER A 3 2.45 -14.28 -5.36
N GLY A 4 1.50 -14.73 -6.16
CA GLY A 4 0.15 -14.19 -6.12
C GLY A 4 0.16 -12.68 -6.38
N VAL A 5 -0.38 -12.32 -7.53
CA VAL A 5 -0.45 -10.92 -7.91
C VAL A 5 -1.00 -10.80 -9.34
N ARG A 6 -2.16 -10.17 -9.43
CA ARG A 6 -2.80 -9.99 -10.73
C ARG A 6 -3.94 -8.98 -10.61
N GLY A 7 -3.64 -7.74 -10.96
CA GLY A 7 -4.62 -6.68 -10.91
C GLY A 7 -3.99 -5.31 -11.18
N ASP A 8 -4.49 -4.31 -10.49
CA ASP A 8 -3.97 -2.95 -10.65
C ASP A 8 -3.01 -2.64 -9.51
N PHE A 9 -2.05 -1.78 -9.82
CA PHE A 9 -1.05 -1.39 -8.84
C PHE A 9 -1.66 -0.50 -7.76
N GLY A 10 -1.04 -0.51 -6.59
CA GLY A 10 -1.51 0.29 -5.47
C GLY A 10 -1.82 -0.59 -4.26
N SER A 11 -1.13 -0.30 -3.16
CA SER A 11 -1.32 -1.06 -1.94
C SER A 11 -1.23 -0.12 -0.73
N LEU A 12 -1.66 -0.64 0.41
CA LEU A 12 -1.63 0.13 1.64
C LEU A 12 -0.23 0.06 2.25
N ALA A 13 0.05 1.04 3.11
CA ALA A 13 1.35 1.09 3.77
C ALA A 13 1.16 0.94 5.28
N PRO A 14 2.30 0.97 6.01
CA PRO A 14 2.27 0.83 7.46
C PRO A 14 1.76 2.12 8.11
N ARG A 15 1.75 2.10 9.44
CA ARG A 15 1.29 3.25 10.19
C ARG A 15 2.28 3.55 11.33
N VAL A 16 3.34 4.26 10.97
CA VAL A 16 4.35 4.62 11.95
C VAL A 16 4.46 6.15 12.03
N ALA A 17 5.37 6.60 12.87
CA ALA A 17 5.58 8.03 13.04
C ALA A 17 7.08 8.31 13.17
N ARG A 18 7.73 7.50 14.00
CA ARG A 18 9.15 7.65 14.21
C ARG A 18 9.87 7.95 12.90
N GLN A 19 9.28 7.47 11.82
CA GLN A 19 9.85 7.68 10.50
C GLN A 19 9.39 9.03 9.94
N LEU A 20 10.26 9.60 9.10
CA LEU A 20 9.96 10.89 8.50
C LEU A 20 9.01 10.68 7.30
N GLY A 2 -7.43 15.66 -13.93
CA GLY A 2 -7.97 15.05 -15.13
C GLY A 2 -7.01 15.21 -16.31
N SER A 3 -5.95 14.42 -16.28
CA SER A 3 -4.95 14.47 -17.33
C SER A 3 -4.02 13.26 -17.22
N GLY A 4 -4.61 12.08 -17.30
CA GLY A 4 -3.85 10.85 -17.21
C GLY A 4 -4.01 10.20 -15.83
N VAL A 5 -2.92 10.22 -15.08
CA VAL A 5 -2.92 9.64 -13.75
C VAL A 5 -1.51 9.70 -13.17
N ARG A 6 -1.37 10.46 -12.09
CA ARG A 6 -0.08 10.61 -11.43
C ARG A 6 0.48 9.23 -11.04
N GLY A 7 1.47 8.80 -11.78
CA GLY A 7 2.10 7.51 -11.53
C GLY A 7 1.10 6.37 -11.72
N ASP A 8 1.12 5.44 -10.77
CA ASP A 8 0.23 4.30 -10.82
C ASP A 8 -0.08 3.84 -9.39
N PHE A 9 -1.19 3.13 -9.26
CA PHE A 9 -1.61 2.63 -7.97
C PHE A 9 -0.53 1.76 -7.33
N GLY A 10 -0.46 1.84 -6.01
CA GLY A 10 0.53 1.06 -5.27
C GLY A 10 -0.15 0.14 -4.26
N SER A 11 0.21 0.33 -2.99
CA SER A 11 -0.35 -0.48 -1.93
C SER A 11 -0.30 0.29 -0.60
N LEU A 12 -1.22 -0.08 0.29
CA LEU A 12 -1.30 0.57 1.58
C LEU A 12 -0.07 0.18 2.41
N ALA A 13 0.26 1.04 3.37
CA ALA A 13 1.39 0.81 4.23
C ALA A 13 0.97 0.98 5.69
N PRO A 14 1.96 0.77 6.61
CA PRO A 14 1.70 0.90 8.02
C PRO A 14 1.57 2.37 8.44
N ARG A 15 1.37 2.58 9.73
CA ARG A 15 1.24 3.93 10.26
C ARG A 15 2.29 4.19 11.34
N VAL A 16 3.52 4.39 10.90
CA VAL A 16 4.62 4.63 11.81
C VAL A 16 4.69 6.14 12.12
N ALA A 17 5.67 6.49 12.93
CA ALA A 17 5.86 7.88 13.30
C ALA A 17 7.37 8.20 13.34
N ARG A 18 8.11 7.29 13.97
CA ARG A 18 9.55 7.46 14.08
C ARG A 18 10.12 7.99 12.76
N GLN A 19 9.44 7.65 11.68
CA GLN A 19 9.87 8.08 10.36
C GLN A 19 8.66 8.21 9.42
N LEU A 20 8.73 9.22 8.56
CA LEU A 20 7.67 9.46 7.61
C LEU A 20 8.06 8.91 6.24
#